data_2LO5
#
_entry.id   2LO5
#
_entity_poly.entity_id   1
_entity_poly.type   'polydeoxyribonucleotide'
_entity_poly.pdbx_seq_one_letter_code
;(DG)(DG)(DC)(DC)(DG)(DC)(DA)(DG)(DT)(DG)(DC)(DC)
;
_entity_poly.pdbx_strand_id   A
#
loop_
_chem_comp.id
_chem_comp.type
_chem_comp.name
_chem_comp.formula
DA DNA linking 2'-DEOXYADENOSINE-5'-MONOPHOSPHATE 'C10 H14 N5 O6 P'
DC DNA linking 2'-DEOXYCYTIDINE-5'-MONOPHOSPHATE 'C9 H14 N3 O7 P'
DG DNA linking 2'-DEOXYGUANOSINE-5'-MONOPHOSPHATE 'C10 H14 N5 O7 P'
DT DNA linking THYMIDINE-5'-MONOPHOSPHATE 'C10 H15 N2 O8 P'
#